data_7HNV
#
_entry.id   7HNV
#
_cell.length_a   95.421
_cell.length_b   95.421
_cell.length_c   45.735
_cell.angle_alpha   90.000
_cell.angle_beta   90.000
_cell.angle_gamma   90.000
#
_symmetry.space_group_name_H-M   'I 4'
#
loop_
_entity.id
_entity.type
_entity.pdbx_description
1 polymer 'E3 ubiquitin-protein ligase TRIM21'
2 non-polymer 1,2-ETHANEDIOL
3 non-polymer 5-methyl-N-(1-methyl-1H-pyrazol-4-yl)-1,2-oxazole-3-carboxamide
4 non-polymer 'SULFATE ION'
5 water water
#
_entity_poly.entity_id   1
_entity_poly.type   'polypeptide(L)'
_entity_poly.pdbx_seq_one_letter_code
;MHHHHHHMVHITLDRNTANSWLIISKDRRQVRMGDTHQNVSDNKERFSNYPMVLGAQRFSSGKMYWEVDVTQKEAWDLGV
CRDSVQRKGQFSLSPENGFWTIWLWQDSYEAGTSPQTTLHIQVPPCQIGIFVDYEAGVVSFYNITDHGSLIYTFSECVFA
GPLRPFFNVGFNYSGGNAAPLKLCPLKM
;
_entity_poly.pdbx_strand_id   B
#
loop_
_chem_comp.id
_chem_comp.type
_chem_comp.name
_chem_comp.formula
EDO non-polymer 1,2-ETHANEDIOL 'C2 H6 O2'
SO4 non-polymer 'SULFATE ION' 'O4 S -2'
UUM non-polymer 5-methyl-N-(1-methyl-1H-pyrazol-4-yl)-1,2-oxazole-3-carboxamide 'C9 H10 N4 O2'
#
# COMPACT_ATOMS: atom_id res chain seq x y z
N HIS A 2 17.99 5.15 -7.44
CA HIS A 2 17.63 6.26 -6.48
C HIS A 2 18.57 6.23 -5.28
N HIS A 3 18.57 7.30 -4.49
CA HIS A 3 19.41 7.47 -3.27
C HIS A 3 18.54 7.85 -2.05
N HIS A 4 17.34 7.24 -1.94
CA HIS A 4 16.30 7.58 -0.91
C HIS A 4 16.40 6.64 0.29
N HIS A 5 17.24 5.61 0.21
CA HIS A 5 17.36 4.53 1.23
C HIS A 5 17.59 5.07 2.64
N HIS A 6 18.35 6.16 2.81
CA HIS A 6 18.70 6.76 4.13
C HIS A 6 17.48 7.37 4.83
N HIS A 7 16.33 7.54 4.16
CA HIS A 7 15.06 8.01 4.80
C HIS A 7 14.23 6.83 5.26
N MET A 8 14.82 5.65 5.30
CA MET A 8 14.12 4.40 5.71
C MET A 8 13.41 4.61 7.05
N VAL A 9 12.17 4.17 7.13
CA VAL A 9 11.35 4.18 8.37
C VAL A 9 10.88 2.73 8.62
N HIS A 10 10.69 2.41 9.89
CA HIS A 10 10.23 1.06 10.30
C HIS A 10 8.71 1.09 10.38
N ILE A 11 8.05 0.49 9.42
CA ILE A 11 6.56 0.49 9.37
C ILE A 11 6.03 -0.78 10.06
N THR A 12 4.96 -0.61 10.80
CA THR A 12 4.22 -1.76 11.39
C THR A 12 2.74 -1.60 11.01
N LEU A 13 2.04 -2.73 10.91
CA LEU A 13 0.63 -2.70 10.51
C LEU A 13 -0.28 -2.47 11.72
N ASP A 14 -1.34 -1.76 11.52
CA ASP A 14 -2.34 -1.42 12.57
C ASP A 14 -3.53 -2.41 12.43
N ARG A 15 -3.53 -3.43 13.31
N ARG A 15 -3.56 -3.44 13.29
CA ARG A 15 -4.56 -4.51 13.42
CA ARG A 15 -4.59 -4.51 13.30
C ARG A 15 -5.98 -3.93 13.41
C ARG A 15 -6.00 -3.92 13.39
N ASN A 16 -6.17 -2.79 14.08
CA ASN A 16 -7.50 -2.22 14.28
C ASN A 16 -8.14 -1.72 12.98
N THR A 17 -7.31 -1.45 11.95
CA THR A 17 -7.76 -0.93 10.64
C THR A 17 -8.01 -2.07 9.67
N ALA A 18 -7.55 -3.26 10.00
CA ALA A 18 -7.56 -4.38 9.03
C ALA A 18 -8.98 -4.86 8.71
N ASN A 19 -9.24 -5.20 7.47
CA ASN A 19 -10.40 -6.04 7.13
C ASN A 19 -10.37 -7.27 8.04
N SER A 20 -11.55 -7.72 8.43
CA SER A 20 -11.73 -8.81 9.39
C SER A 20 -11.25 -10.15 8.88
N TRP A 21 -10.91 -10.33 7.61
CA TRP A 21 -10.39 -11.59 7.08
C TRP A 21 -8.85 -11.63 7.07
N LEU A 22 -8.21 -10.50 7.41
CA LEU A 22 -6.74 -10.44 7.32
C LEU A 22 -6.10 -11.10 8.56
N ILE A 23 -4.94 -11.69 8.31
CA ILE A 23 -4.05 -12.30 9.35
C ILE A 23 -2.73 -11.53 9.33
N ILE A 24 -2.48 -10.82 10.40
CA ILE A 24 -1.24 -10.01 10.58
C ILE A 24 -0.31 -10.77 11.49
N SER A 25 0.95 -10.84 11.15
CA SER A 25 1.94 -11.60 11.94
C SER A 25 2.15 -10.95 13.31
N LYS A 26 2.73 -11.73 14.24
CA LYS A 26 3.06 -11.23 15.60
C LYS A 26 3.90 -9.96 15.53
N ASP A 27 4.88 -9.92 14.64
CA ASP A 27 5.78 -8.74 14.53
C ASP A 27 5.10 -7.54 13.82
N ARG A 28 3.87 -7.68 13.36
CA ARG A 28 3.10 -6.64 12.66
C ARG A 28 3.84 -6.20 11.39
N ARG A 29 4.60 -7.07 10.77
CA ARG A 29 5.34 -6.77 9.53
C ARG A 29 4.84 -7.54 8.32
N GLN A 30 3.95 -8.51 8.46
CA GLN A 30 3.39 -9.29 7.35
C GLN A 30 1.88 -9.38 7.46
N VAL A 31 1.22 -9.47 6.34
CA VAL A 31 -0.26 -9.60 6.30
C VAL A 31 -0.63 -10.50 5.13
N ARG A 32 -1.59 -11.37 5.34
CA ARG A 32 -2.17 -12.18 4.25
C ARG A 32 -3.69 -12.32 4.46
N MET A 33 -4.34 -12.72 3.38
N MET A 33 -4.42 -12.63 3.39
CA MET A 33 -5.79 -13.03 3.32
CA MET A 33 -5.90 -12.81 3.51
C MET A 33 -6.03 -14.39 4.00
C MET A 33 -6.19 -14.26 3.87
N GLY A 34 -6.89 -14.40 5.00
CA GLY A 34 -7.38 -15.69 5.53
C GLY A 34 -8.48 -16.26 4.67
N ASP A 35 -8.81 -17.54 4.96
CA ASP A 35 -9.85 -18.25 4.16
C ASP A 35 -11.21 -18.06 4.85
N THR A 36 -11.30 -17.25 5.90
CA THR A 36 -12.55 -17.00 6.67
C THR A 36 -12.43 -15.72 7.52
N HIS A 37 -13.50 -15.28 8.19
CA HIS A 37 -13.48 -14.21 9.20
C HIS A 37 -12.53 -14.58 10.33
N GLN A 38 -11.69 -13.66 10.77
CA GLN A 38 -10.63 -13.98 11.75
C GLN A 38 -11.07 -13.75 13.20
N ASN A 39 -12.36 -13.65 13.46
CA ASN A 39 -12.92 -13.73 14.84
C ASN A 39 -12.56 -12.50 15.66
N VAL A 40 -12.54 -11.34 15.01
CA VAL A 40 -12.35 -10.01 15.65
C VAL A 40 -13.69 -9.26 15.70
N SER A 41 -13.88 -8.35 16.65
CA SER A 41 -15.04 -7.44 16.67
C SER A 41 -14.96 -6.42 15.54
N ASP A 42 -16.08 -5.93 15.07
CA ASP A 42 -16.13 -4.84 14.05
C ASP A 42 -15.83 -3.54 14.77
N ASN A 43 -15.40 -2.55 13.99
CA ASN A 43 -15.15 -1.18 14.50
C ASN A 43 -15.18 -0.24 13.31
N LYS A 44 -15.25 1.05 13.57
CA LYS A 44 -15.47 2.05 12.50
C LYS A 44 -14.17 2.22 11.67
N GLU A 45 -13.01 1.79 12.18
CA GLU A 45 -11.73 1.93 11.43
C GLU A 45 -11.57 0.83 10.37
N ARG A 46 -12.22 -0.34 10.48
CA ARG A 46 -11.89 -1.46 9.58
C ARG A 46 -12.35 -1.24 8.18
N PHE A 47 -11.50 -1.50 7.20
CA PHE A 47 -11.95 -1.52 5.80
C PHE A 47 -12.92 -2.70 5.61
N SER A 48 -14.15 -2.44 5.19
CA SER A 48 -15.22 -3.48 5.16
C SER A 48 -15.24 -4.24 3.84
N ASN A 49 -15.01 -3.61 2.71
CA ASN A 49 -15.33 -4.18 1.39
C ASN A 49 -14.12 -4.86 0.74
N TYR A 50 -12.89 -4.52 1.18
CA TYR A 50 -11.69 -4.97 0.45
C TYR A 50 -10.64 -5.41 1.49
N PRO A 51 -9.66 -6.25 1.10
CA PRO A 51 -8.65 -6.77 2.03
C PRO A 51 -7.51 -5.80 2.34
N MET A 52 -7.89 -4.64 2.91
CA MET A 52 -7.00 -3.48 3.13
C MET A 52 -6.66 -3.34 4.61
N VAL A 53 -5.51 -2.69 4.84
CA VAL A 53 -5.00 -2.40 6.20
C VAL A 53 -4.09 -1.18 6.09
N LEU A 54 -3.98 -0.41 7.15
CA LEU A 54 -3.05 0.73 7.23
C LEU A 54 -1.85 0.43 8.08
N GLY A 55 -0.74 1.11 7.80
CA GLY A 55 0.37 1.24 8.78
C GLY A 55 -0.05 2.04 10.02
N ALA A 56 0.60 1.77 11.14
CA ALA A 56 0.33 2.50 12.40
C ALA A 56 0.91 3.92 12.34
N GLN A 57 1.97 4.09 11.55
CA GLN A 57 2.72 5.37 11.54
C GLN A 57 1.89 6.42 10.82
N ARG A 58 1.92 7.67 11.30
CA ARG A 58 1.32 8.85 10.66
C ARG A 58 2.41 9.85 10.30
N PHE A 59 2.38 10.35 9.09
CA PHE A 59 3.42 11.30 8.62
C PHE A 59 2.78 12.61 8.21
N SER A 60 3.29 13.74 8.72
N SER A 60 3.29 13.74 8.72
CA SER A 60 2.77 15.10 8.43
CA SER A 60 2.81 15.11 8.39
C SER A 60 3.89 16.04 7.95
C SER A 60 3.98 16.02 8.00
N SER A 61 5.14 15.54 7.85
N SER A 61 5.14 15.46 7.74
CA SER A 61 6.31 16.31 7.38
CA SER A 61 6.33 16.26 7.39
C SER A 61 7.40 15.35 6.89
C SER A 61 7.49 15.34 7.01
N GLY A 62 8.45 15.87 6.27
CA GLY A 62 9.69 15.12 6.05
C GLY A 62 9.65 14.16 4.86
N LYS A 63 10.71 13.38 4.80
CA LYS A 63 10.94 12.39 3.76
C LYS A 63 10.94 11.01 4.44
N MET A 64 10.24 10.05 3.84
CA MET A 64 10.05 8.70 4.38
C MET A 64 10.22 7.69 3.25
N TYR A 65 10.79 6.54 3.53
CA TYR A 65 11.03 5.47 2.54
C TYR A 65 10.79 4.13 3.22
N TRP A 66 10.09 3.24 2.54
CA TRP A 66 10.01 1.83 3.01
C TRP A 66 9.89 0.90 1.81
N GLU A 67 10.04 -0.41 2.06
CA GLU A 67 9.99 -1.46 1.01
C GLU A 67 9.03 -2.58 1.38
N VAL A 68 8.33 -3.06 0.37
CA VAL A 68 7.33 -4.14 0.54
C VAL A 68 7.65 -5.27 -0.44
N ASP A 69 7.60 -6.50 0.09
CA ASP A 69 7.77 -7.74 -0.70
C ASP A 69 6.43 -8.20 -1.22
N VAL A 70 6.32 -8.40 -2.52
CA VAL A 70 5.09 -8.82 -3.25
C VAL A 70 5.29 -10.15 -4.00
N THR A 71 6.33 -10.88 -3.64
CA THR A 71 6.67 -12.16 -4.31
C THR A 71 5.45 -13.07 -4.44
N GLN A 72 5.27 -13.55 -5.66
CA GLN A 72 4.26 -14.55 -6.12
C GLN A 72 2.84 -14.07 -6.00
N LYS A 73 2.57 -12.82 -5.71
CA LYS A 73 1.17 -12.36 -5.73
C LYS A 73 0.66 -12.04 -7.13
N GLU A 74 -0.61 -12.29 -7.36
CA GLU A 74 -1.31 -11.96 -8.61
C GLU A 74 -1.97 -10.58 -8.57
N ALA A 75 -2.28 -10.08 -7.39
CA ALA A 75 -3.03 -8.83 -7.24
C ALA A 75 -2.72 -8.18 -5.89
N TRP A 76 -2.57 -6.86 -5.88
CA TRP A 76 -2.29 -6.07 -4.66
C TRP A 76 -2.36 -4.60 -5.01
N ASP A 77 -2.57 -3.78 -3.99
CA ASP A 77 -2.44 -2.31 -4.09
C ASP A 77 -1.42 -1.87 -3.04
N LEU A 78 -0.60 -0.86 -3.30
CA LEU A 78 0.37 -0.30 -2.34
C LEU A 78 0.49 1.21 -2.51
N GLY A 79 0.68 1.88 -1.38
CA GLY A 79 1.07 3.29 -1.45
C GLY A 79 0.84 3.94 -0.09
N VAL A 80 0.30 5.16 -0.14
N VAL A 80 0.23 5.11 -0.12
CA VAL A 80 -0.11 5.94 1.07
CA VAL A 80 0.01 5.93 1.11
C VAL A 80 -1.52 6.45 0.89
C VAL A 80 -1.36 6.59 0.93
N CYS A 81 -2.10 6.86 2.01
CA CYS A 81 -3.40 7.49 1.94
C CYS A 81 -3.57 8.47 3.11
N ARG A 82 -4.54 9.36 2.97
N ARG A 82 -4.52 9.38 2.96
CA ARG A 82 -4.93 10.21 4.10
CA ARG A 82 -4.90 10.30 4.06
C ARG A 82 -5.39 9.36 5.28
C ARG A 82 -5.50 9.48 5.24
N ASP A 83 -5.16 9.86 6.49
CA ASP A 83 -5.69 9.19 7.69
C ASP A 83 -7.22 9.17 7.60
N SER A 84 -7.89 10.12 6.96
CA SER A 84 -9.36 10.19 6.99
C SER A 84 -10.06 9.54 5.79
N VAL A 85 -9.36 8.72 5.02
CA VAL A 85 -10.05 8.00 3.91
C VAL A 85 -11.25 7.20 4.45
N GLN A 86 -12.25 7.15 3.59
CA GLN A 86 -13.46 6.27 3.78
C GLN A 86 -13.00 4.84 4.04
N ARG A 87 -13.67 4.17 4.95
CA ARG A 87 -13.37 2.76 5.36
C ARG A 87 -14.49 1.83 4.91
N LYS A 88 -15.73 2.30 4.82
CA LYS A 88 -16.91 1.44 4.61
C LYS A 88 -17.48 1.61 3.22
N GLY A 89 -17.94 0.53 2.61
CA GLY A 89 -18.59 0.61 1.29
C GLY A 89 -17.60 0.61 0.14
N GLN A 90 -18.10 0.89 -1.05
CA GLN A 90 -17.32 0.87 -2.29
C GLN A 90 -16.70 2.24 -2.54
N PHE A 91 -15.46 2.23 -3.04
CA PHE A 91 -14.76 3.46 -3.47
C PHE A 91 -13.62 3.11 -4.42
N SER A 92 -13.19 4.08 -5.22
N SER A 92 -13.20 4.12 -5.18
CA SER A 92 -12.02 3.91 -6.12
CA SER A 92 -12.06 4.07 -6.11
C SER A 92 -10.79 4.54 -5.46
C SER A 92 -10.79 4.53 -5.38
N LEU A 93 -9.65 3.95 -5.74
CA LEU A 93 -8.36 4.47 -5.28
C LEU A 93 -7.94 5.59 -6.21
N SER A 94 -7.98 6.84 -5.72
CA SER A 94 -7.65 8.03 -6.52
C SER A 94 -7.14 9.10 -5.57
N PRO A 95 -6.38 10.07 -6.07
CA PRO A 95 -6.01 11.21 -5.23
C PRO A 95 -7.22 12.02 -4.76
N GLU A 96 -8.29 12.10 -5.56
CA GLU A 96 -9.52 12.80 -5.13
C GLU A 96 -10.08 12.16 -3.87
N ASN A 97 -9.96 10.83 -3.72
CA ASN A 97 -10.47 10.10 -2.54
C ASN A 97 -9.39 9.95 -1.47
N GLY A 98 -8.21 10.55 -1.61
CA GLY A 98 -7.18 10.50 -0.59
C GLY A 98 -6.20 9.35 -0.66
N PHE A 99 -5.99 8.79 -1.87
CA PHE A 99 -5.04 7.67 -2.06
C PHE A 99 -3.98 7.95 -3.14
N TRP A 100 -2.74 7.60 -2.88
CA TRP A 100 -1.62 7.66 -3.85
C TRP A 100 -0.99 6.28 -3.92
N THR A 101 -1.41 5.53 -4.95
CA THR A 101 -1.21 4.06 -4.97
C THR A 101 -0.83 3.60 -6.38
N ILE A 102 -0.23 2.41 -6.42
CA ILE A 102 -0.07 1.61 -7.67
C ILE A 102 -0.64 0.23 -7.36
N TRP A 103 -0.86 -0.55 -8.41
CA TRP A 103 -1.39 -1.91 -8.21
C TRP A 103 -0.96 -2.82 -9.33
N LEU A 104 -1.07 -4.13 -9.03
CA LEU A 104 -1.03 -5.25 -9.99
C LEU A 104 -2.42 -5.85 -10.07
N TRP A 105 -2.91 -6.10 -11.29
CA TRP A 105 -4.22 -6.71 -11.53
C TRP A 105 -4.20 -7.32 -12.91
N GLN A 106 -4.52 -8.62 -12.99
CA GLN A 106 -4.64 -9.30 -14.33
C GLN A 106 -3.43 -9.01 -15.16
N ASP A 107 -2.26 -9.27 -14.63
CA ASP A 107 -1.00 -9.28 -15.39
C ASP A 107 -0.64 -7.89 -15.92
N SER A 108 -1.25 -6.81 -15.42
CA SER A 108 -0.81 -5.42 -15.76
C SER A 108 -0.66 -4.60 -14.48
N TYR A 109 0.27 -3.67 -14.52
CA TYR A 109 0.55 -2.69 -13.43
C TYR A 109 -0.03 -1.35 -13.82
N GLU A 110 -0.71 -0.70 -12.88
N GLU A 110 -0.73 -0.72 -12.87
CA GLU A 110 -1.36 0.63 -13.13
CA GLU A 110 -1.38 0.61 -13.09
C GLU A 110 -1.21 1.54 -11.92
C GLU A 110 -1.04 1.53 -11.91
N ALA A 111 -1.07 2.84 -12.18
CA ALA A 111 -1.11 3.86 -11.11
C ALA A 111 -2.55 4.27 -10.89
N GLY A 112 -2.91 4.44 -9.61
CA GLY A 112 -4.25 4.84 -9.14
C GLY A 112 -4.55 6.31 -9.36
N THR A 113 -4.38 6.85 -10.55
CA THR A 113 -4.97 8.11 -10.98
C THR A 113 -6.43 7.92 -11.39
N SER A 114 -7.16 9.01 -11.71
CA SER A 114 -8.55 8.87 -12.19
C SER A 114 -8.65 9.59 -13.55
N PRO A 115 -8.76 8.84 -14.67
CA PRO A 115 -8.74 7.38 -14.69
C PRO A 115 -7.30 6.83 -14.51
N GLN A 116 -7.18 5.53 -14.30
CA GLN A 116 -5.89 4.85 -14.01
C GLN A 116 -4.90 4.97 -15.18
N THR A 117 -3.63 4.95 -14.85
CA THR A 117 -2.52 5.12 -15.80
C THR A 117 -1.78 3.80 -15.94
N THR A 118 -1.52 3.38 -17.19
CA THR A 118 -0.71 2.20 -17.49
C THR A 118 0.73 2.40 -17.08
N LEU A 119 1.35 1.46 -16.40
CA LEU A 119 2.76 1.47 -16.00
C LEU A 119 3.51 0.58 -17.01
N HIS A 120 4.78 0.85 -17.20
CA HIS A 120 5.66 0.15 -18.16
C HIS A 120 6.75 -0.52 -17.37
N ILE A 121 6.59 -1.77 -17.02
CA ILE A 121 7.53 -2.54 -16.18
C ILE A 121 8.01 -3.77 -17.02
N GLN A 122 9.29 -3.81 -17.28
CA GLN A 122 9.91 -4.91 -18.08
C GLN A 122 10.26 -6.07 -17.15
N VAL A 123 10.63 -5.76 -15.90
CA VAL A 123 11.08 -6.78 -14.90
C VAL A 123 10.05 -6.87 -13.78
N PRO A 124 9.11 -7.84 -13.76
CA PRO A 124 8.06 -7.86 -12.73
C PRO A 124 8.70 -7.76 -11.37
N PRO A 125 8.32 -6.78 -10.51
CA PRO A 125 8.97 -6.60 -9.22
C PRO A 125 8.61 -7.69 -8.21
N CYS A 126 9.59 -8.10 -7.42
CA CYS A 126 9.35 -8.90 -6.19
C CYS A 126 9.34 -8.01 -4.95
N GLN A 127 10.01 -6.85 -4.99
N GLN A 127 9.84 -6.79 -5.12
CA GLN A 127 9.95 -5.84 -3.89
CA GLN A 127 10.00 -5.82 -4.02
C GLN A 127 9.83 -4.44 -4.50
C GLN A 127 9.75 -4.42 -4.59
N ILE A 128 8.97 -3.63 -3.86
CA ILE A 128 8.58 -2.25 -4.27
C ILE A 128 9.14 -1.33 -3.18
N GLY A 129 9.82 -0.25 -3.58
CA GLY A 129 10.18 0.86 -2.69
C GLY A 129 9.24 2.04 -2.86
N ILE A 130 8.80 2.59 -1.73
CA ILE A 130 7.84 3.73 -1.68
C ILE A 130 8.52 4.90 -0.97
N PHE A 131 8.58 6.02 -1.67
CA PHE A 131 9.21 7.27 -1.16
C PHE A 131 8.15 8.35 -1.10
N VAL A 132 8.05 9.01 0.05
CA VAL A 132 7.13 10.16 0.27
C VAL A 132 7.96 11.38 0.68
N ASP A 133 7.81 12.46 -0.07
CA ASP A 133 8.34 13.80 0.35
C ASP A 133 7.12 14.67 0.64
N TYR A 134 6.84 14.84 1.96
CA TYR A 134 5.61 15.55 2.36
C TYR A 134 5.62 17.00 1.85
N GLU A 135 6.71 17.67 2.10
CA GLU A 135 6.79 19.13 1.78
C GLU A 135 6.69 19.32 0.28
N ALA A 136 7.39 18.49 -0.50
CA ALA A 136 7.40 18.61 -1.96
C ALA A 136 6.08 18.15 -2.60
N GLY A 137 5.23 17.39 -1.93
CA GLY A 137 4.02 16.82 -2.49
C GLY A 137 4.34 15.72 -3.53
N VAL A 138 5.22 14.79 -3.14
CA VAL A 138 5.67 13.70 -4.07
C VAL A 138 5.48 12.36 -3.40
N VAL A 139 4.97 11.41 -4.18
CA VAL A 139 5.00 9.96 -3.84
C VAL A 139 5.61 9.20 -5.04
N SER A 140 6.67 8.47 -4.80
CA SER A 140 7.37 7.74 -5.87
C SER A 140 7.49 6.27 -5.51
N PHE A 141 7.50 5.46 -6.56
CA PHE A 141 7.53 3.99 -6.47
C PHE A 141 8.74 3.52 -7.27
N TYR A 142 9.46 2.56 -6.73
CA TYR A 142 10.73 2.04 -7.29
C TYR A 142 10.67 0.51 -7.37
N ASN A 143 11.30 -0.02 -8.41
CA ASN A 143 11.38 -1.49 -8.68
C ASN A 143 12.67 -2.00 -8.06
N ILE A 144 12.67 -2.58 -6.87
CA ILE A 144 13.92 -2.97 -6.17
C ILE A 144 14.55 -4.15 -6.94
N THR A 145 13.75 -4.99 -7.57
CA THR A 145 14.21 -6.19 -8.34
C THR A 145 15.05 -5.70 -9.52
N ASP A 146 14.70 -4.57 -10.13
CA ASP A 146 15.41 -3.97 -11.31
C ASP A 146 16.30 -2.80 -10.87
N HIS A 147 17.15 -2.99 -9.89
CA HIS A 147 18.21 -2.01 -9.50
C HIS A 147 17.56 -0.67 -9.16
N GLY A 148 16.36 -0.69 -8.58
CA GLY A 148 15.75 0.55 -8.07
C GLY A 148 15.12 1.41 -9.13
N SER A 149 14.84 0.93 -10.32
CA SER A 149 14.36 1.76 -11.44
C SER A 149 13.01 2.40 -11.06
N LEU A 150 12.78 3.59 -11.52
CA LEU A 150 11.49 4.29 -11.26
C LEU A 150 10.32 3.58 -11.93
N ILE A 151 9.25 3.40 -11.17
CA ILE A 151 7.95 2.92 -11.66
C ILE A 151 7.02 4.09 -11.97
N TYR A 152 6.83 4.97 -10.97
CA TYR A 152 5.82 6.04 -11.12
C TYR A 152 6.09 7.12 -10.06
N THR A 153 5.86 8.38 -10.45
CA THR A 153 5.86 9.53 -9.52
C THR A 153 4.55 10.28 -9.63
N PHE A 154 3.85 10.39 -8.47
CA PHE A 154 2.76 11.37 -8.26
C PHE A 154 3.43 12.66 -7.79
N SER A 155 3.22 13.72 -8.55
CA SER A 155 3.73 15.04 -8.12
C SER A 155 2.53 15.98 -8.02
N GLU A 156 2.81 17.16 -7.41
CA GLU A 156 1.73 18.15 -7.14
C GLU A 156 0.64 17.49 -6.28
N CYS A 157 1.07 16.64 -5.35
CA CYS A 157 0.09 15.93 -4.48
C CYS A 157 -0.55 16.93 -3.49
N VAL A 158 -1.83 16.81 -3.27
CA VAL A 158 -2.52 17.65 -2.25
C VAL A 158 -2.90 16.67 -1.12
N PHE A 159 -2.00 16.39 -0.19
CA PHE A 159 -2.19 15.38 0.88
C PHE A 159 -3.40 15.77 1.72
N ALA A 160 -3.46 17.02 2.17
CA ALA A 160 -4.59 17.60 2.91
C ALA A 160 -4.82 16.88 4.23
N GLY A 161 -3.79 16.36 4.84
CA GLY A 161 -3.90 15.68 6.14
C GLY A 161 -2.70 14.82 6.42
N PRO A 162 -2.64 14.20 7.59
CA PRO A 162 -1.62 13.20 7.89
C PRO A 162 -1.75 12.03 6.90
N LEU A 163 -0.61 11.43 6.59
CA LEU A 163 -0.56 10.24 5.69
C LEU A 163 -0.28 8.97 6.48
N ARG A 164 -0.86 7.87 6.03
CA ARG A 164 -0.56 6.52 6.54
C ARG A 164 -0.13 5.57 5.42
N PRO A 165 0.82 4.67 5.69
CA PRO A 165 1.10 3.59 4.71
C PRO A 165 -0.18 2.81 4.45
N PHE A 166 -0.40 2.43 3.20
CA PHE A 166 -1.61 1.77 2.71
C PHE A 166 -1.24 0.45 2.01
N PHE A 167 -2.05 -0.60 2.27
CA PHE A 167 -1.84 -1.96 1.75
C PHE A 167 -3.18 -2.58 1.35
N ASN A 168 -3.18 -3.33 0.27
CA ASN A 168 -4.30 -4.23 -0.10
C ASN A 168 -3.67 -5.55 -0.54
N VAL A 169 -3.94 -6.65 0.18
CA VAL A 169 -3.36 -7.98 -0.20
C VAL A 169 -4.12 -8.58 -1.40
N GLY A 170 -5.27 -7.99 -1.75
CA GLY A 170 -6.15 -8.54 -2.82
C GLY A 170 -6.94 -9.77 -2.42
N PHE A 171 -8.01 -10.00 -3.17
CA PHE A 171 -8.81 -11.24 -3.02
C PHE A 171 -8.01 -12.43 -3.48
N ASN A 172 -8.53 -13.59 -3.15
CA ASN A 172 -7.90 -14.87 -3.58
C ASN A 172 -9.02 -15.78 -4.14
N TYR A 173 -9.76 -15.27 -5.08
CA TYR A 173 -10.76 -16.08 -5.84
C TYR A 173 -10.07 -17.13 -6.67
N SER A 174 -8.87 -16.92 -7.17
CA SER A 174 -8.16 -17.78 -8.13
C SER A 174 -7.46 -18.94 -7.40
N GLY A 175 -7.21 -18.82 -6.10
CA GLY A 175 -6.31 -19.77 -5.42
C GLY A 175 -4.85 -19.53 -5.70
N GLY A 176 -4.49 -18.50 -6.45
CA GLY A 176 -3.11 -18.15 -6.79
C GLY A 176 -2.61 -16.87 -6.12
N ASN A 177 -3.39 -16.28 -5.23
CA ASN A 177 -3.02 -14.99 -4.60
C ASN A 177 -3.00 -15.07 -3.08
N ALA A 178 -2.66 -16.21 -2.49
CA ALA A 178 -2.65 -16.35 -1.02
C ALA A 178 -1.41 -15.74 -0.39
N ALA A 179 -0.36 -15.51 -1.15
CA ALA A 179 0.92 -15.06 -0.54
C ALA A 179 0.75 -13.72 0.21
N PRO A 180 1.57 -13.50 1.24
CA PRO A 180 1.49 -12.26 2.00
C PRO A 180 2.16 -11.03 1.34
N LEU A 181 1.80 -9.84 1.81
CA LEU A 181 2.67 -8.65 1.72
C LEU A 181 3.57 -8.67 2.94
N LYS A 182 4.84 -8.35 2.74
CA LYS A 182 5.84 -8.34 3.86
C LYS A 182 6.55 -7.01 3.84
N LEU A 183 6.65 -6.36 4.96
CA LEU A 183 7.57 -5.19 5.09
C LEU A 183 9.00 -5.71 5.23
N CYS A 184 9.87 -5.28 4.32
CA CYS A 184 11.29 -5.76 4.24
C CYS A 184 12.14 -5.02 5.23
N PRO A 185 13.15 -5.70 5.79
CA PRO A 185 14.05 -5.10 6.76
C PRO A 185 14.90 -4.06 6.04
N LEU A 186 15.17 -2.98 6.79
CA LEU A 186 16.20 -1.92 6.59
C LEU A 186 17.59 -2.54 6.46
C1 EDO B . -11.74 -14.49 -2.08
O1 EDO B . -10.61 -14.15 -1.31
C2 EDO B . -13.07 -14.21 -1.49
O2 EDO B . -13.09 -14.48 -0.12
N1 UUM C . -20.01 0.17 10.37
N3 UUM C . -21.07 1.13 7.11
C4 UUM C . -20.29 0.60 11.64
C5 UUM C . -20.46 0.79 9.19
C6 UUM C . -20.82 2.13 8.98
C7 UUM C . -21.39 0.99 5.69
C8 UUM C . -20.62 0.18 7.97
N UUM C . -18.97 -1.30 12.49
C UUM C . -18.96 -1.39 16.12
O UUM C . -18.64 -1.80 13.76
C1 UUM C . -19.20 -1.02 14.70
C2 UUM C . -19.87 -0.03 14.09
C3 UUM C . -19.72 -0.24 12.72
N2 UUM C . -21.19 2.35 7.73
O1 UUM C . -20.95 1.59 11.90
C1 EDO D . -24.75 -2.76 -0.32
O1 EDO D . -23.41 -2.57 0.14
C2 EDO D . -24.81 -3.17 -1.72
O2 EDO D . -24.04 -4.31 -1.96
S SO4 E . -15.76 6.68 -6.33
O1 SO4 E . -15.19 6.35 -5.06
O2 SO4 E . -17.13 7.05 -6.18
O3 SO4 E . -15.00 7.78 -6.90
O4 SO4 E . -15.67 5.53 -7.23
#